data_4GII
#
_entry.id   4GII
#
_cell.length_a   36.175
_cell.length_b   74.194
_cell.length_c   104.887
_cell.angle_alpha   90.00
_cell.angle_beta   90.00
_cell.angle_gamma   90.00
#
_symmetry.space_group_name_H-M   'P 21 21 21'
#
loop_
_entity.id
_entity.type
_entity.pdbx_description
1 polymer 'Non-receptor tyrosine-protein kinase TYK2'
2 non-polymer 2,6-dichloro-4-cyano-N-{2-[(cyclopropylcarbonyl)amino]pyridin-4-yl}benzamide
3 water water
#
_entity_poly.entity_id   1
_entity_poly.type   'polypeptide(L)'
_entity_poly.pdbx_seq_one_letter_code
;MGSPASDPTVFHKRYLKKIRDLGEGHFGKVSLYCYDPTNDGTGEMVAVKALKADAGPQHRSGWKQEIDILRTLYHEHIIK
YKGCCEDAGAASLQLVMEYVPLGSLRDYLPRHSIGLAQLLLFAQQICEGMAYLHAQHYIHRNLAARNVLLDNDRLVKIGD
FGLAKAVPEGHEYYRVREDGDSPVFWYAPECLKEYKFYYASDVWSFGVTLYELLTHCDSSQSPPTKFLELIGIAQGQMTV
LRLTELLERGERLPRPDKCPAEVYHLMKNCWETEASFRPTFENLIPILKTVHEKYRHHHHHH
;
_entity_poly.pdbx_strand_id   A
#
# COMPACT_ATOMS: atom_id res chain seq x y z
N THR A 9 7.56 -12.43 20.38
CA THR A 9 6.28 -12.21 21.05
C THR A 9 5.26 -13.28 20.65
N VAL A 10 4.45 -13.75 21.63
CA VAL A 10 3.44 -14.78 21.42
C VAL A 10 2.06 -14.36 21.99
N PHE A 11 0.98 -14.70 21.25
CA PHE A 11 -0.41 -14.43 21.62
C PHE A 11 -1.18 -15.74 21.76
N HIS A 12 -2.13 -15.80 22.70
CA HIS A 12 -2.93 -17.01 22.93
C HIS A 12 -4.36 -16.84 22.43
N LYS A 13 -4.80 -17.75 21.54
CA LYS A 13 -6.12 -17.78 20.90
C LYS A 13 -7.29 -17.71 21.91
N ARG A 14 -7.09 -18.29 23.11
CA ARG A 14 -8.07 -18.34 24.21
C ARG A 14 -8.48 -16.96 24.73
N TYR A 15 -7.56 -15.96 24.62
CA TYR A 15 -7.79 -14.59 25.09
C TYR A 15 -8.19 -13.60 23.99
N LEU A 16 -8.30 -14.09 22.74
CA LEU A 16 -8.70 -13.26 21.60
C LEU A 16 -10.22 -13.25 21.46
N LYS A 17 -10.82 -12.06 21.51
CA LYS A 17 -12.26 -11.87 21.38
C LYS A 17 -12.56 -11.08 20.11
N LYS A 18 -13.25 -11.70 19.14
CA LYS A 18 -13.59 -11.08 17.87
C LYS A 18 -14.65 -10.00 18.02
N ILE A 19 -14.36 -8.81 17.46
CA ILE A 19 -15.27 -7.66 17.47
C ILE A 19 -16.01 -7.66 16.12
N ARG A 20 -15.27 -7.44 15.01
CA ARG A 20 -15.80 -7.44 13.65
C ARG A 20 -14.68 -7.66 12.61
N ASP A 21 -15.06 -7.96 11.36
CA ASP A 21 -14.12 -8.14 10.26
C ASP A 21 -13.70 -6.77 9.75
N LEU A 22 -12.40 -6.58 9.47
CA LEU A 22 -11.88 -5.30 8.97
C LEU A 22 -11.75 -5.23 7.46
N GLY A 23 -11.52 -6.39 6.82
CA GLY A 23 -11.39 -6.48 5.37
C GLY A 23 -10.58 -7.65 4.87
N GLU A 24 -10.22 -7.60 3.58
CA GLU A 24 -9.45 -8.64 2.88
C GLU A 24 -8.12 -8.07 2.36
N GLY A 25 -7.03 -8.72 2.75
CA GLY A 25 -5.69 -8.38 2.30
C GLY A 25 -5.30 -9.20 1.09
N HIS A 26 -3.99 -9.40 0.86
CA HIS A 26 -3.52 -10.20 -0.27
C HIS A 26 -3.59 -11.70 0.03
N PHE A 27 -3.09 -12.12 1.20
CA PHE A 27 -3.07 -13.53 1.63
C PHE A 27 -4.07 -13.88 2.74
N GLY A 28 -5.27 -13.27 2.68
CA GLY A 28 -6.32 -13.55 3.65
C GLY A 28 -7.03 -12.35 4.24
N LYS A 29 -7.90 -12.61 5.23
CA LYS A 29 -8.73 -11.63 5.92
C LYS A 29 -8.09 -11.01 7.17
N VAL A 30 -8.48 -9.75 7.48
CA VAL A 30 -8.04 -8.98 8.64
C VAL A 30 -9.26 -8.78 9.55
N SER A 31 -9.13 -9.13 10.83
CA SER A 31 -10.23 -9.00 11.79
C SER A 31 -9.83 -8.20 13.04
N LEU A 32 -10.80 -7.46 13.60
CA LEU A 32 -10.60 -6.69 14.83
C LEU A 32 -10.86 -7.59 16.04
N TYR A 33 -9.85 -7.72 16.91
CA TYR A 33 -9.89 -8.55 18.11
C TYR A 33 -9.54 -7.75 19.35
N CYS A 34 -10.12 -8.16 20.49
CA CYS A 34 -9.84 -7.58 21.79
C CYS A 34 -9.08 -8.63 22.58
N TYR A 35 -7.75 -8.47 22.69
CA TYR A 35 -6.92 -9.41 23.44
C TYR A 35 -7.06 -9.10 24.92
N ASP A 36 -7.90 -9.89 25.62
CA ASP A 36 -8.21 -9.67 27.02
C ASP A 36 -8.05 -10.90 27.93
N PRO A 37 -6.82 -11.15 28.45
CA PRO A 37 -6.62 -12.31 29.35
C PRO A 37 -7.19 -12.14 30.75
N THR A 38 -7.43 -10.88 31.19
CA THR A 38 -7.99 -10.55 32.50
C THR A 38 -9.50 -10.81 32.58
N ASN A 39 -10.15 -11.00 31.40
CA ASN A 39 -11.59 -11.28 31.22
C ASN A 39 -12.55 -10.11 31.56
N ASP A 40 -12.01 -8.91 31.84
CA ASP A 40 -12.81 -7.73 32.15
C ASP A 40 -13.28 -6.99 30.89
N GLY A 41 -12.33 -6.70 29.98
CA GLY A 41 -12.58 -6.02 28.72
C GLY A 41 -11.69 -4.81 28.49
N THR A 42 -10.69 -4.60 29.37
CA THR A 42 -9.75 -3.48 29.34
C THR A 42 -8.53 -3.76 28.43
N GLY A 43 -8.48 -4.98 27.88
CA GLY A 43 -7.41 -5.44 27.01
C GLY A 43 -7.26 -4.66 25.72
N GLU A 44 -6.02 -4.60 25.21
CA GLU A 44 -5.67 -3.87 23.99
C GLU A 44 -6.27 -4.46 22.73
N MET A 45 -6.79 -3.59 21.85
CA MET A 45 -7.39 -3.96 20.57
C MET A 45 -6.29 -4.27 19.57
N VAL A 46 -6.40 -5.43 18.90
CA VAL A 46 -5.42 -5.92 17.92
C VAL A 46 -6.06 -6.28 16.58
N ALA A 47 -5.30 -6.06 15.48
CA ALA A 47 -5.71 -6.39 14.11
C ALA A 47 -5.04 -7.73 13.79
N VAL A 48 -5.85 -8.79 13.62
CA VAL A 48 -5.33 -10.12 13.36
C VAL A 48 -5.57 -10.57 11.92
N LYS A 49 -4.48 -10.64 11.13
CA LYS A 49 -4.50 -11.07 9.74
C LYS A 49 -4.28 -12.58 9.69
N ALA A 50 -5.19 -13.30 9.03
CA ALA A 50 -5.14 -14.76 8.93
C ALA A 50 -5.06 -15.29 7.51
N LEU A 51 -4.32 -16.39 7.33
CA LEU A 51 -4.17 -17.08 6.05
C LEU A 51 -5.35 -18.05 5.92
N LYS A 52 -6.03 -18.04 4.75
CA LYS A 52 -7.18 -18.92 4.50
C LYS A 52 -6.76 -20.40 4.60
N ALA A 53 -7.48 -21.19 5.42
CA ALA A 53 -7.21 -22.60 5.68
C ALA A 53 -7.22 -23.51 4.44
N ASP A 54 -7.85 -23.05 3.34
CA ASP A 54 -7.98 -23.77 2.07
C ASP A 54 -6.87 -23.47 1.04
N ALA A 55 -5.95 -22.53 1.34
CA ALA A 55 -4.84 -22.14 0.45
C ALA A 55 -3.79 -23.24 0.28
N GLY A 56 -3.24 -23.33 -0.93
CA GLY A 56 -2.22 -24.31 -1.29
C GLY A 56 -0.82 -23.91 -0.85
N PRO A 57 0.24 -24.70 -1.21
CA PRO A 57 1.61 -24.34 -0.78
C PRO A 57 2.17 -23.05 -1.39
N GLN A 58 1.60 -22.60 -2.53
CA GLN A 58 2.01 -21.38 -3.23
C GLN A 58 1.75 -20.10 -2.41
N HIS A 59 0.68 -20.12 -1.59
CA HIS A 59 0.28 -19.00 -0.72
C HIS A 59 0.89 -19.11 0.68
N ARG A 60 1.07 -20.37 1.18
CA ARG A 60 1.63 -20.68 2.50
C ARG A 60 3.09 -20.20 2.63
N SER A 61 3.86 -20.27 1.53
CA SER A 61 5.24 -19.80 1.45
C SER A 61 5.28 -18.27 1.38
N GLY A 62 4.29 -17.68 0.70
CA GLY A 62 4.14 -16.23 0.56
C GLY A 62 3.67 -15.56 1.84
N TRP A 63 2.86 -16.28 2.64
CA TRP A 63 2.35 -15.81 3.92
C TRP A 63 3.45 -15.78 4.98
N LYS A 64 4.32 -16.81 5.00
CA LYS A 64 5.47 -16.91 5.92
C LYS A 64 6.44 -15.75 5.63
N GLN A 65 6.58 -15.40 4.33
CA GLN A 65 7.40 -14.31 3.83
C GLN A 65 6.90 -12.96 4.36
N GLU A 66 5.55 -12.74 4.31
CA GLU A 66 4.89 -11.52 4.79
C GLU A 66 5.16 -11.27 6.28
N ILE A 67 5.09 -12.34 7.11
CA ILE A 67 5.36 -12.28 8.55
C ILE A 67 6.82 -11.91 8.79
N ASP A 68 7.76 -12.64 8.13
CA ASP A 68 9.21 -12.45 8.23
C ASP A 68 9.65 -11.02 7.89
N ILE A 69 9.05 -10.41 6.84
CA ILE A 69 9.34 -9.04 6.40
C ILE A 69 8.84 -8.01 7.44
N LEU A 70 7.58 -8.12 7.87
CA LEU A 70 6.95 -7.22 8.84
C LEU A 70 7.64 -7.26 10.22
N ARG A 71 8.14 -8.45 10.63
CA ARG A 71 8.85 -8.68 11.89
C ARG A 71 10.22 -7.96 11.88
N THR A 72 10.86 -7.83 10.70
CA THR A 72 12.16 -7.17 10.52
C THR A 72 12.07 -5.67 10.24
N LEU A 73 10.85 -5.14 10.04
CA LEU A 73 10.60 -3.71 9.77
C LEU A 73 10.18 -2.98 11.04
N TYR A 74 10.80 -1.82 11.31
CA TYR A 74 10.48 -0.97 12.46
C TYR A 74 10.63 0.50 12.08
N HIS A 75 9.48 1.18 11.86
CA HIS A 75 9.38 2.58 11.47
C HIS A 75 8.03 3.15 11.88
N GLU A 76 7.99 4.47 12.20
CA GLU A 76 6.78 5.17 12.62
C GLU A 76 5.66 5.22 11.57
N HIS A 77 6.03 5.14 10.28
CA HIS A 77 5.07 5.18 9.17
C HIS A 77 4.84 3.80 8.51
N ILE A 78 5.09 2.73 9.29
CA ILE A 78 4.87 1.33 8.92
C ILE A 78 4.16 0.66 10.10
N ILE A 79 3.02 -0.03 9.81
CA ILE A 79 2.21 -0.74 10.81
C ILE A 79 3.09 -1.63 11.70
N LYS A 80 2.94 -1.49 13.02
CA LYS A 80 3.75 -2.21 13.99
C LYS A 80 3.37 -3.68 14.09
N TYR A 81 4.39 -4.55 14.11
CA TYR A 81 4.24 -5.98 14.30
C TYR A 81 4.14 -6.20 15.81
N LYS A 82 3.02 -6.72 16.28
CA LYS A 82 2.79 -6.94 17.70
C LYS A 82 3.29 -8.32 18.16
N GLY A 83 2.99 -9.35 17.37
CA GLY A 83 3.40 -10.73 17.65
C GLY A 83 2.70 -11.76 16.79
N CYS A 84 2.87 -13.04 17.15
CA CYS A 84 2.27 -14.16 16.44
C CYS A 84 1.42 -15.03 17.34
N CYS A 85 0.31 -15.55 16.79
CA CYS A 85 -0.62 -16.43 17.49
C CYS A 85 -0.75 -17.76 16.75
N GLU A 86 -0.65 -18.88 17.51
CA GLU A 86 -0.76 -20.21 16.91
C GLU A 86 -2.20 -20.59 16.54
N ASP A 87 -2.48 -20.61 15.22
CA ASP A 87 -3.80 -20.96 14.68
C ASP A 87 -3.87 -22.47 14.59
N ALA A 88 -4.63 -23.09 15.50
CA ALA A 88 -4.80 -24.54 15.58
C ALA A 88 -5.71 -25.08 14.47
N GLY A 89 -6.61 -24.23 13.96
CA GLY A 89 -7.57 -24.57 12.91
C GLY A 89 -7.06 -24.46 11.49
N ALA A 90 -6.02 -23.63 11.25
CA ALA A 90 -5.46 -23.44 9.92
C ALA A 90 -4.02 -23.97 9.81
N ALA A 91 -3.42 -24.40 10.95
CA ALA A 91 -2.05 -24.91 11.11
C ALA A 91 -0.97 -23.95 10.56
N SER A 92 -1.28 -22.65 10.61
CA SER A 92 -0.42 -21.55 10.17
C SER A 92 -0.31 -20.52 11.29
N LEU A 93 0.40 -19.41 11.04
CA LEU A 93 0.54 -18.35 12.02
C LEU A 93 -0.43 -17.22 11.71
N GLN A 94 -1.07 -16.67 12.75
CA GLN A 94 -1.98 -15.55 12.64
C GLN A 94 -1.20 -14.28 12.97
N LEU A 95 -1.07 -13.37 12.00
CA LEU A 95 -0.32 -12.13 12.13
C LEU A 95 -1.03 -11.10 13.02
N VAL A 96 -0.43 -10.82 14.19
CA VAL A 96 -0.98 -9.85 15.14
C VAL A 96 -0.25 -8.52 14.94
N MET A 97 -0.99 -7.52 14.44
CA MET A 97 -0.51 -6.18 14.16
C MET A 97 -1.25 -5.20 15.05
N GLU A 98 -0.76 -3.95 15.14
CA GLU A 98 -1.43 -2.91 15.91
C GLU A 98 -2.74 -2.49 15.23
N TYR A 99 -3.73 -2.09 16.03
CA TYR A 99 -4.99 -1.62 15.50
C TYR A 99 -4.82 -0.14 15.20
N VAL A 100 -4.91 0.23 13.92
CA VAL A 100 -4.77 1.62 13.48
C VAL A 100 -6.20 2.20 13.56
N PRO A 101 -6.48 3.08 14.56
CA PRO A 101 -7.86 3.53 14.81
C PRO A 101 -8.76 4.02 13.69
N LEU A 102 -8.28 4.91 12.81
CA LEU A 102 -9.11 5.48 11.74
C LEU A 102 -9.22 4.66 10.45
N GLY A 103 -8.41 3.60 10.32
CA GLY A 103 -8.42 2.71 9.17
C GLY A 103 -7.74 3.25 7.93
N SER A 104 -7.98 2.59 6.78
CA SER A 104 -7.42 2.96 5.49
C SER A 104 -7.93 4.30 4.99
N LEU A 105 -7.11 5.00 4.18
CA LEU A 105 -7.48 6.28 3.61
C LEU A 105 -8.56 6.13 2.54
N ARG A 106 -8.62 4.96 1.88
CA ARG A 106 -9.64 4.63 0.86
C ARG A 106 -11.04 4.68 1.47
N ASP A 107 -11.16 4.23 2.74
CA ASP A 107 -12.42 4.21 3.47
C ASP A 107 -12.65 5.52 4.22
N TYR A 108 -11.56 6.19 4.66
CA TYR A 108 -11.63 7.44 5.43
C TYR A 108 -11.94 8.68 4.61
N LEU A 109 -11.13 8.97 3.57
CA LEU A 109 -11.25 10.16 2.73
C LEU A 109 -12.62 10.50 2.06
N PRO A 110 -13.41 9.54 1.51
CA PRO A 110 -14.71 9.92 0.91
C PRO A 110 -15.75 10.44 1.91
N ARG A 111 -15.59 10.11 3.21
CA ARG A 111 -16.51 10.54 4.25
C ARG A 111 -15.97 11.67 5.15
N HIS A 112 -14.67 11.96 5.06
CA HIS A 112 -14.04 13.03 5.84
C HIS A 112 -13.27 13.98 4.93
N SER A 113 -13.75 15.24 4.79
CA SER A 113 -13.10 16.25 3.97
C SER A 113 -11.82 16.69 4.67
N ILE A 114 -10.68 16.26 4.12
CA ILE A 114 -9.35 16.52 4.66
C ILE A 114 -8.66 17.59 3.81
N GLY A 115 -8.06 18.58 4.47
CA GLY A 115 -7.36 19.69 3.84
C GLY A 115 -6.19 19.29 2.97
N LEU A 116 -5.85 20.16 2.01
CA LEU A 116 -4.75 19.96 1.05
C LEU A 116 -3.40 19.73 1.74
N ALA A 117 -3.03 20.60 2.70
CA ALA A 117 -1.78 20.51 3.46
C ALA A 117 -1.67 19.21 4.25
N GLN A 118 -2.80 18.74 4.80
CA GLN A 118 -2.92 17.51 5.57
C GLN A 118 -2.66 16.28 4.70
N LEU A 119 -3.17 16.29 3.45
CA LEU A 119 -2.95 15.21 2.49
C LEU A 119 -1.48 15.19 2.06
N LEU A 120 -0.88 16.39 1.90
CA LEU A 120 0.53 16.58 1.52
C LEU A 120 1.45 16.03 2.60
N LEU A 121 1.01 16.15 3.88
CA LEU A 121 1.73 15.63 5.05
C LEU A 121 1.70 14.10 5.02
N PHE A 122 0.56 13.50 4.61
CA PHE A 122 0.39 12.05 4.51
C PHE A 122 1.34 11.45 3.46
N ALA A 123 1.42 12.08 2.27
CA ALA A 123 2.30 11.68 1.16
C ALA A 123 3.77 11.77 1.57
N GLN A 124 4.13 12.79 2.38
CA GLN A 124 5.47 13.01 2.90
C GLN A 124 5.84 11.82 3.80
N GLN A 125 4.91 11.44 4.71
CA GLN A 125 5.03 10.32 5.64
C GLN A 125 5.16 8.98 4.91
N ILE A 126 4.37 8.78 3.84
CA ILE A 126 4.41 7.58 2.97
C ILE A 126 5.84 7.44 2.43
N CYS A 127 6.40 8.54 1.87
CA CYS A 127 7.76 8.61 1.34
C CYS A 127 8.82 8.29 2.38
N GLU A 128 8.61 8.73 3.64
CA GLU A 128 9.52 8.45 4.75
C GLU A 128 9.55 6.95 5.09
N GLY A 129 8.37 6.34 5.20
CA GLY A 129 8.24 4.90 5.44
C GLY A 129 8.79 4.09 4.28
N MET A 130 8.52 4.55 3.04
CA MET A 130 8.98 3.92 1.80
C MET A 130 10.50 4.02 1.60
N ALA A 131 11.12 5.14 2.04
CA ALA A 131 12.57 5.34 1.94
C ALA A 131 13.29 4.36 2.86
N TYR A 132 12.72 4.13 4.06
CA TYR A 132 13.26 3.19 5.05
C TYR A 132 13.15 1.76 4.49
N LEU A 133 11.97 1.42 3.92
CA LEU A 133 11.69 0.11 3.31
C LEU A 133 12.72 -0.22 2.24
N HIS A 134 13.06 0.76 1.38
CA HIS A 134 14.03 0.64 0.29
C HIS A 134 15.46 0.55 0.82
N ALA A 135 15.74 1.23 1.97
CA ALA A 135 17.04 1.20 2.65
C ALA A 135 17.29 -0.16 3.26
N GLN A 136 16.20 -0.89 3.60
CA GLN A 136 16.25 -2.24 4.16
C GLN A 136 16.25 -3.29 3.04
N HIS A 137 16.34 -2.82 1.78
CA HIS A 137 16.37 -3.61 0.54
C HIS A 137 15.09 -4.42 0.28
N TYR A 138 13.94 -3.76 0.41
CA TYR A 138 12.62 -4.34 0.17
C TYR A 138 11.81 -3.44 -0.75
N ILE A 139 11.00 -4.05 -1.60
CA ILE A 139 10.06 -3.37 -2.49
C ILE A 139 8.66 -3.72 -1.98
N HIS A 140 7.74 -2.75 -1.99
CA HIS A 140 6.37 -2.96 -1.51
C HIS A 140 5.51 -3.73 -2.52
N ARG A 141 5.55 -3.35 -3.82
CA ARG A 141 4.80 -3.97 -4.93
C ARG A 141 3.26 -3.87 -4.81
N ASN A 142 2.74 -3.09 -3.85
CA ASN A 142 1.30 -2.95 -3.61
C ASN A 142 0.96 -1.59 -2.97
N LEU A 143 1.67 -0.52 -3.36
CA LEU A 143 1.42 0.79 -2.81
C LEU A 143 0.18 1.45 -3.41
N ALA A 144 -0.85 1.60 -2.59
CA ALA A 144 -2.14 2.19 -2.92
C ALA A 144 -2.74 2.79 -1.65
N ALA A 145 -3.71 3.74 -1.80
CA ALA A 145 -4.37 4.40 -0.66
C ALA A 145 -5.11 3.39 0.23
N ARG A 146 -5.52 2.28 -0.38
CA ARG A 146 -6.18 1.10 0.23
C ARG A 146 -5.24 0.51 1.27
N ASN A 147 -3.91 0.58 1.02
CA ASN A 147 -2.88 0.02 1.89
C ASN A 147 -2.19 1.06 2.79
N VAL A 148 -2.80 2.24 2.92
CA VAL A 148 -2.29 3.34 3.75
C VAL A 148 -3.31 3.59 4.85
N LEU A 149 -2.91 3.37 6.11
CA LEU A 149 -3.75 3.48 7.29
C LEU A 149 -3.52 4.77 8.07
N LEU A 150 -4.60 5.35 8.61
CA LEU A 150 -4.57 6.59 9.37
C LEU A 150 -4.71 6.34 10.87
N ASP A 151 -3.68 6.72 11.66
CA ASP A 151 -3.66 6.55 13.12
C ASP A 151 -4.39 7.71 13.80
N ASN A 152 -4.17 8.92 13.27
CA ASN A 152 -4.79 10.19 13.68
C ASN A 152 -4.67 11.17 12.52
N ASP A 153 -5.38 12.31 12.59
CA ASP A 153 -5.40 13.38 11.56
C ASP A 153 -4.00 13.86 11.07
N ARG A 154 -2.93 13.57 11.82
CA ARG A 154 -1.56 13.97 11.48
C ARG A 154 -0.55 12.80 11.42
N LEU A 155 -1.02 11.53 11.41
CA LEU A 155 -0.16 10.35 11.34
C LEU A 155 -0.69 9.25 10.41
N VAL A 156 0.18 8.78 9.49
CA VAL A 156 -0.12 7.75 8.51
C VAL A 156 0.86 6.55 8.60
N LYS A 157 0.35 5.33 8.34
CA LYS A 157 1.14 4.10 8.40
C LYS A 157 0.84 3.19 7.21
N ILE A 158 1.90 2.65 6.57
CA ILE A 158 1.81 1.71 5.44
C ILE A 158 1.33 0.37 6.03
N GLY A 159 0.26 -0.19 5.45
CA GLY A 159 -0.41 -1.40 5.90
C GLY A 159 0.14 -2.76 5.54
N ASP A 160 -0.43 -3.38 4.48
CA ASP A 160 -0.10 -4.74 4.07
C ASP A 160 1.18 -4.96 3.24
N PHE A 161 1.89 -6.06 3.54
CA PHE A 161 3.14 -6.44 2.89
C PHE A 161 3.08 -7.83 2.23
N GLY A 162 1.87 -8.22 1.79
CA GLY A 162 1.61 -9.48 1.13
C GLY A 162 2.34 -9.65 -0.19
N LEU A 163 2.53 -8.53 -0.91
CA LEU A 163 3.23 -8.49 -2.19
C LEU A 163 4.68 -8.03 -2.07
N ALA A 164 5.10 -7.59 -0.86
CA ALA A 164 6.46 -7.12 -0.59
C ALA A 164 7.51 -8.21 -0.71
N LYS A 165 8.64 -7.89 -1.40
CA LYS A 165 9.73 -8.81 -1.63
C LYS A 165 11.11 -8.22 -1.35
N ALA A 166 12.08 -9.08 -0.99
CA ALA A 166 13.45 -8.68 -0.71
C ALA A 166 14.26 -8.61 -2.01
N VAL A 167 14.82 -7.43 -2.31
CA VAL A 167 15.65 -7.23 -3.50
C VAL A 167 17.09 -7.62 -3.11
N PRO A 168 17.68 -8.68 -3.73
CA PRO A 168 19.06 -9.05 -3.38
C PRO A 168 20.05 -7.94 -3.75
N GLU A 169 20.92 -7.57 -2.79
CA GLU A 169 21.94 -6.50 -2.87
C GLU A 169 22.71 -6.35 -4.20
N GLY A 170 22.91 -7.46 -4.91
CA GLY A 170 23.62 -7.49 -6.19
C GLY A 170 22.85 -6.89 -7.35
N HIS A 171 21.50 -7.00 -7.33
CA HIS A 171 20.62 -6.50 -8.40
C HIS A 171 19.75 -5.33 -7.96
N GLU A 172 19.25 -4.55 -8.93
CA GLU A 172 18.39 -3.38 -8.71
C GLU A 172 16.90 -3.68 -8.96
N TYR A 173 16.58 -4.92 -9.39
CA TYR A 173 15.22 -5.35 -9.69
C TYR A 173 14.93 -6.79 -9.22
N TYR A 174 13.63 -7.13 -9.13
CA TYR A 174 13.12 -8.45 -8.79
C TYR A 174 12.15 -8.88 -9.90
N ARG A 175 12.32 -10.09 -10.45
CA ARG A 175 11.48 -10.59 -11.52
C ARG A 175 10.14 -11.11 -11.05
N VAL A 176 9.07 -10.48 -11.53
CA VAL A 176 7.67 -10.81 -11.18
C VAL A 176 7.05 -11.76 -12.23
N ARG A 177 5.92 -12.39 -11.89
CA ARG A 177 5.23 -13.31 -12.80
C ARG A 177 3.78 -12.86 -13.12
N GLU A 178 3.11 -13.57 -14.05
CA GLU A 178 1.73 -13.28 -14.45
C GLU A 178 0.76 -13.65 -13.34
N ASP A 179 -0.05 -12.67 -12.89
CA ASP A 179 -1.04 -12.86 -11.82
C ASP A 179 -2.26 -11.96 -12.04
N GLY A 180 -3.44 -12.53 -11.81
CA GLY A 180 -4.72 -11.83 -11.94
C GLY A 180 -4.98 -10.81 -10.85
N ASP A 181 -4.39 -11.03 -9.66
CA ASP A 181 -4.55 -10.14 -8.50
C ASP A 181 -3.50 -9.01 -8.43
N SER A 182 -2.64 -8.89 -9.47
CA SER A 182 -1.61 -7.86 -9.58
C SER A 182 -2.26 -6.47 -9.65
N PRO A 183 -1.82 -5.49 -8.83
CA PRO A 183 -2.45 -4.16 -8.91
C PRO A 183 -1.93 -3.34 -10.09
N VAL A 184 -2.23 -3.84 -11.32
CA VAL A 184 -1.83 -3.32 -12.64
C VAL A 184 -2.11 -1.82 -12.87
N PHE A 185 -3.20 -1.28 -12.29
CA PHE A 185 -3.58 0.13 -12.42
C PHE A 185 -2.71 1.07 -11.56
N TRP A 186 -1.82 0.48 -10.74
CA TRP A 186 -0.87 1.17 -9.86
C TRP A 186 0.57 0.84 -10.27
N TYR A 187 0.74 -0.02 -11.30
CA TYR A 187 2.04 -0.49 -11.77
C TYR A 187 2.65 0.33 -12.90
N ALA A 188 3.99 0.46 -12.85
CA ALA A 188 4.81 1.16 -13.84
C ALA A 188 4.87 0.34 -15.16
N PRO A 189 5.17 0.94 -16.34
CA PRO A 189 5.20 0.15 -17.58
C PRO A 189 6.18 -1.01 -17.60
N GLU A 190 7.34 -0.89 -16.92
CA GLU A 190 8.36 -1.95 -16.88
C GLU A 190 7.93 -3.21 -16.12
N CYS A 191 6.93 -3.09 -15.23
CA CYS A 191 6.37 -4.20 -14.47
C CYS A 191 5.38 -4.97 -15.34
N LEU A 192 4.57 -4.21 -16.12
CA LEU A 192 3.54 -4.73 -17.02
C LEU A 192 4.13 -5.38 -18.28
N LYS A 193 5.26 -4.85 -18.79
CA LYS A 193 5.87 -5.31 -20.03
C LYS A 193 7.04 -6.30 -19.86
N GLU A 194 8.11 -5.89 -19.15
CA GLU A 194 9.32 -6.69 -18.96
C GLU A 194 9.32 -7.59 -17.71
N TYR A 195 8.26 -7.47 -16.87
CA TYR A 195 8.06 -8.21 -15.61
C TYR A 195 9.19 -7.98 -14.59
N LYS A 196 9.68 -6.73 -14.54
CA LYS A 196 10.75 -6.30 -13.63
C LYS A 196 10.21 -5.26 -12.65
N PHE A 197 10.51 -5.44 -11.35
CA PHE A 197 10.10 -4.47 -10.33
C PHE A 197 11.33 -3.82 -9.71
N TYR A 198 11.55 -2.53 -10.04
CA TYR A 198 12.66 -1.73 -9.53
C TYR A 198 12.17 -0.92 -8.32
N TYR A 199 13.10 -0.26 -7.59
CA TYR A 199 12.73 0.62 -6.48
C TYR A 199 11.89 1.80 -7.04
N ALA A 200 12.20 2.23 -8.28
CA ALA A 200 11.50 3.28 -9.02
C ALA A 200 10.05 2.91 -9.36
N SER A 201 9.72 1.60 -9.37
CA SER A 201 8.37 1.11 -9.66
C SER A 201 7.43 1.45 -8.50
N ASP A 202 7.96 1.44 -7.25
CA ASP A 202 7.23 1.81 -6.04
C ASP A 202 6.95 3.32 -6.02
N VAL A 203 7.82 4.11 -6.71
CA VAL A 203 7.68 5.57 -6.83
C VAL A 203 6.52 5.87 -7.78
N TRP A 204 6.38 5.06 -8.86
CA TRP A 204 5.28 5.18 -9.81
C TRP A 204 3.97 4.97 -9.06
N SER A 205 3.90 3.90 -8.23
CA SER A 205 2.74 3.54 -7.40
C SER A 205 2.43 4.63 -6.37
N PHE A 206 3.47 5.34 -5.85
CA PHE A 206 3.29 6.44 -4.91
C PHE A 206 2.56 7.60 -5.62
N GLY A 207 2.96 7.87 -6.86
CA GLY A 207 2.36 8.90 -7.70
C GLY A 207 0.87 8.65 -7.89
N VAL A 208 0.50 7.36 -8.06
CA VAL A 208 -0.89 6.91 -8.19
C VAL A 208 -1.61 7.09 -6.84
N THR A 209 -0.95 6.69 -5.73
CA THR A 209 -1.46 6.82 -4.35
C THR A 209 -1.69 8.30 -4.02
N LEU A 210 -0.78 9.20 -4.46
CA LEU A 210 -0.89 10.65 -4.27
C LEU A 210 -2.11 11.18 -5.05
N TYR A 211 -2.35 10.63 -6.26
CA TYR A 211 -3.51 10.98 -7.09
C TYR A 211 -4.81 10.62 -6.36
N GLU A 212 -4.84 9.45 -5.71
CA GLU A 212 -6.00 8.96 -4.94
C GLU A 212 -6.34 9.89 -3.77
N LEU A 213 -5.32 10.31 -2.98
CA LEU A 213 -5.52 11.22 -1.83
C LEU A 213 -6.08 12.56 -2.28
N LEU A 214 -5.57 13.09 -3.41
CA LEU A 214 -5.99 14.36 -3.99
C LEU A 214 -7.42 14.32 -4.55
N THR A 215 -7.93 13.12 -4.89
CA THR A 215 -9.32 12.92 -5.35
C THR A 215 -10.23 12.56 -4.16
N HIS A 216 -9.61 12.42 -2.96
CA HIS A 216 -10.24 12.03 -1.69
C HIS A 216 -10.79 10.61 -1.78
N CYS A 217 -10.06 9.75 -2.54
CA CYS A 217 -10.36 8.35 -2.84
C CYS A 217 -11.77 8.14 -3.40
N ASP A 218 -12.20 9.07 -4.27
CA ASP A 218 -13.49 9.03 -4.94
C ASP A 218 -13.43 7.90 -5.96
N SER A 219 -14.25 6.86 -5.77
CA SER A 219 -14.32 5.67 -6.62
C SER A 219 -14.61 5.94 -8.10
N SER A 220 -15.33 7.04 -8.41
CA SER A 220 -15.65 7.43 -9.79
C SER A 220 -14.43 8.09 -10.46
N GLN A 221 -13.44 8.51 -9.65
CA GLN A 221 -12.19 9.13 -10.10
C GLN A 221 -11.00 8.19 -9.84
N SER A 222 -11.26 6.98 -9.32
CA SER A 222 -10.23 5.97 -9.01
C SER A 222 -9.41 5.50 -10.22
N PRO A 223 -8.13 5.08 -10.01
CA PRO A 223 -7.32 4.59 -11.14
C PRO A 223 -7.94 3.49 -12.01
N PRO A 224 -8.61 2.40 -11.50
CA PRO A 224 -9.21 1.42 -12.43
C PRO A 224 -10.33 2.03 -13.27
N THR A 225 -11.14 2.93 -12.67
CA THR A 225 -12.24 3.61 -13.35
C THR A 225 -11.74 4.46 -14.54
N LYS A 226 -10.81 5.40 -14.27
CA LYS A 226 -10.25 6.31 -15.29
C LYS A 226 -9.51 5.61 -16.42
N PHE A 227 -8.72 4.55 -16.11
CA PHE A 227 -7.98 3.78 -17.11
C PHE A 227 -8.91 2.90 -17.97
N LEU A 228 -9.96 2.28 -17.35
CA LEU A 228 -10.92 1.46 -18.08
C LEU A 228 -11.86 2.31 -18.95
N GLU A 229 -11.99 3.61 -18.60
CA GLU A 229 -12.74 4.60 -19.39
C GLU A 229 -11.95 4.88 -20.66
N LEU A 230 -10.61 4.74 -20.61
CA LEU A 230 -9.68 4.93 -21.72
C LEU A 230 -9.51 3.66 -22.56
N ILE A 231 -9.32 2.50 -21.89
CA ILE A 231 -9.12 1.18 -22.52
C ILE A 231 -10.41 0.61 -23.12
N GLY A 232 -11.48 0.62 -22.32
CA GLY A 232 -12.75 0.02 -22.67
C GLY A 232 -12.93 -1.26 -21.88
N ILE A 233 -14.12 -1.87 -21.94
CA ILE A 233 -14.40 -3.09 -21.19
C ILE A 233 -14.55 -4.36 -22.05
N ALA A 234 -14.44 -4.20 -23.37
CA ALA A 234 -14.53 -5.28 -24.35
C ALA A 234 -13.23 -5.41 -25.14
N GLN A 235 -12.11 -5.62 -24.42
CA GLN A 235 -10.78 -5.75 -25.01
C GLN A 235 -10.14 -7.14 -24.86
N GLY A 236 -10.95 -8.14 -24.51
CA GLY A 236 -10.50 -9.52 -24.31
C GLY A 236 -9.43 -9.65 -23.25
N GLN A 237 -8.31 -10.26 -23.62
CA GLN A 237 -7.15 -10.48 -22.75
C GLN A 237 -6.16 -9.31 -22.87
N MET A 238 -6.54 -8.24 -23.61
CA MET A 238 -5.67 -7.09 -23.89
C MET A 238 -5.93 -5.82 -23.07
N THR A 239 -6.39 -5.96 -21.81
CA THR A 239 -6.61 -4.80 -20.93
C THR A 239 -5.25 -4.21 -20.50
N VAL A 240 -4.30 -5.07 -20.11
CA VAL A 240 -2.94 -4.72 -19.66
C VAL A 240 -2.10 -4.22 -20.85
N LEU A 241 -2.25 -4.85 -22.04
CA LEU A 241 -1.54 -4.44 -23.26
C LEU A 241 -1.98 -3.04 -23.67
N ARG A 242 -3.32 -2.77 -23.64
CA ARG A 242 -3.89 -1.46 -23.96
C ARG A 242 -3.48 -0.42 -22.92
N LEU A 243 -3.24 -0.86 -21.67
CA LEU A 243 -2.78 -0.02 -20.56
C LEU A 243 -1.31 0.35 -20.80
N THR A 244 -0.48 -0.66 -21.17
CA THR A 244 0.94 -0.49 -21.49
C THR A 244 1.08 0.55 -22.61
N GLU A 245 0.32 0.39 -23.70
CA GLU A 245 0.31 1.26 -24.88
C GLU A 245 -0.04 2.71 -24.57
N LEU A 246 -1.12 2.97 -23.80
CA LEU A 246 -1.52 4.34 -23.46
C LEU A 246 -0.48 5.02 -22.58
N LEU A 247 0.18 4.25 -21.69
CA LEU A 247 1.24 4.73 -20.82
C LEU A 247 2.50 5.07 -21.63
N GLU A 248 2.73 4.35 -22.75
CA GLU A 248 3.85 4.58 -23.67
C GLU A 248 3.60 5.87 -24.47
N ARG A 249 2.33 6.13 -24.87
CA ARG A 249 1.92 7.33 -25.63
C ARG A 249 2.01 8.61 -24.80
N GLY A 250 2.32 8.48 -23.50
CA GLY A 250 2.44 9.58 -22.58
C GLY A 250 1.15 9.93 -21.87
N GLU A 251 0.10 9.10 -22.05
CA GLU A 251 -1.21 9.31 -21.42
C GLU A 251 -1.13 8.97 -19.95
N ARG A 252 -1.69 9.85 -19.11
CA ARG A 252 -1.66 9.71 -17.66
C ARG A 252 -3.03 10.02 -17.06
N LEU A 253 -3.21 9.75 -15.74
CA LEU A 253 -4.45 10.05 -15.01
C LEU A 253 -4.64 11.59 -14.99
N PRO A 254 -5.88 12.12 -15.08
CA PRO A 254 -6.04 13.59 -15.11
C PRO A 254 -5.69 14.31 -13.81
N ARG A 255 -5.62 15.64 -13.87
CA ARG A 255 -5.34 16.46 -12.69
C ARG A 255 -6.62 16.55 -11.84
N PRO A 256 -6.56 16.16 -10.54
CA PRO A 256 -7.76 16.23 -9.69
C PRO A 256 -8.24 17.67 -9.49
N ASP A 257 -9.54 17.84 -9.15
CA ASP A 257 -10.11 19.17 -8.92
C ASP A 257 -9.51 19.79 -7.66
N LYS A 258 -9.09 21.06 -7.75
CA LYS A 258 -8.44 21.83 -6.67
C LYS A 258 -6.99 21.41 -6.36
N CYS A 259 -6.41 20.47 -7.14
CA CYS A 259 -5.02 20.03 -6.98
C CYS A 259 -4.10 21.10 -7.59
N PRO A 260 -3.05 21.57 -6.87
CA PRO A 260 -2.17 22.60 -7.46
C PRO A 260 -1.35 22.06 -8.63
N ALA A 261 -1.15 22.90 -9.67
CA ALA A 261 -0.41 22.55 -10.89
C ALA A 261 0.99 21.97 -10.63
N GLU A 262 1.75 22.55 -9.69
CA GLU A 262 3.09 22.08 -9.35
C GLU A 262 3.08 20.68 -8.71
N VAL A 263 2.04 20.39 -7.90
CA VAL A 263 1.83 19.08 -7.25
C VAL A 263 1.56 18.02 -8.33
N TYR A 264 0.74 18.37 -9.35
CA TYR A 264 0.44 17.49 -10.50
C TYR A 264 1.68 17.23 -11.34
N HIS A 265 2.63 18.19 -11.41
CA HIS A 265 3.89 18.02 -12.14
C HIS A 265 4.84 17.09 -11.39
N LEU A 266 4.74 17.06 -10.04
CA LEU A 266 5.49 16.16 -9.16
C LEU A 266 4.94 14.75 -9.40
N MET A 267 3.61 14.62 -9.55
CA MET A 267 2.89 13.37 -9.81
C MET A 267 3.40 12.77 -11.13
N LYS A 268 3.39 13.59 -12.20
CA LYS A 268 3.85 13.24 -13.55
C LYS A 268 5.34 12.86 -13.55
N ASN A 269 6.14 13.45 -12.65
CA ASN A 269 7.56 13.15 -12.50
C ASN A 269 7.75 11.76 -11.85
N CYS A 270 6.80 11.36 -10.98
CA CYS A 270 6.77 10.02 -10.40
C CYS A 270 6.27 9.05 -11.48
N TRP A 271 5.56 9.59 -12.50
CA TRP A 271 5.03 8.81 -13.61
C TRP A 271 5.87 8.91 -14.88
N GLU A 272 7.21 9.08 -14.75
CA GLU A 272 8.06 9.12 -15.94
C GLU A 272 8.13 7.71 -16.51
N THR A 273 8.05 7.57 -17.85
CA THR A 273 8.12 6.27 -18.53
C THR A 273 9.47 5.61 -18.19
N GLU A 274 10.56 6.39 -18.25
CA GLU A 274 11.92 5.95 -17.90
C GLU A 274 12.04 5.94 -16.37
N ALA A 275 12.37 4.76 -15.80
CA ALA A 275 12.53 4.54 -14.37
C ALA A 275 13.64 5.40 -13.74
N SER A 276 14.73 5.66 -14.49
CA SER A 276 15.86 6.48 -14.03
C SER A 276 15.53 7.98 -13.89
N PHE A 277 14.51 8.47 -14.62
CA PHE A 277 14.08 9.88 -14.57
C PHE A 277 13.20 10.16 -13.35
N ARG A 278 12.67 9.10 -12.72
CA ARG A 278 11.80 9.20 -11.57
C ARG A 278 12.59 9.52 -10.29
N PRO A 279 12.08 10.42 -9.41
CA PRO A 279 12.81 10.72 -8.16
C PRO A 279 12.76 9.55 -7.19
N THR A 280 13.76 9.41 -6.31
CA THR A 280 13.72 8.33 -5.32
C THR A 280 12.80 8.77 -4.17
N PHE A 281 12.57 7.89 -3.17
CA PHE A 281 11.74 8.28 -2.03
C PHE A 281 12.50 9.27 -1.14
N GLU A 282 13.84 9.19 -1.17
CA GLU A 282 14.74 10.10 -0.43
C GLU A 282 14.69 11.51 -1.03
N ASN A 283 14.59 11.63 -2.36
CA ASN A 283 14.48 12.92 -3.06
C ASN A 283 13.14 13.60 -2.75
N LEU A 284 12.07 12.80 -2.63
CA LEU A 284 10.71 13.27 -2.37
C LEU A 284 10.46 13.83 -0.96
N ILE A 285 11.20 13.35 0.06
CA ILE A 285 11.06 13.81 1.45
C ILE A 285 11.29 15.33 1.64
N PRO A 286 12.44 15.96 1.24
CA PRO A 286 12.59 17.41 1.43
C PRO A 286 11.65 18.24 0.55
N ILE A 287 11.31 17.68 -0.62
CA ILE A 287 10.41 18.29 -1.60
C ILE A 287 8.98 18.36 -1.03
N LEU A 288 8.47 17.25 -0.48
CA LEU A 288 7.12 17.23 0.13
C LEU A 288 7.04 18.02 1.43
N LYS A 289 8.16 18.09 2.19
CA LYS A 289 8.27 18.88 3.44
C LYS A 289 8.05 20.37 3.15
N THR A 290 8.60 20.85 2.02
CA THR A 290 8.50 22.23 1.55
C THR A 290 7.08 22.54 1.01
N VAL A 291 6.54 21.63 0.17
CA VAL A 291 5.21 21.78 -0.43
C VAL A 291 4.13 21.80 0.68
N HIS A 292 4.30 20.96 1.72
CA HIS A 292 3.42 20.92 2.89
C HIS A 292 3.50 22.26 3.65
N GLU A 293 4.73 22.78 3.81
CA GLU A 293 5.01 24.04 4.50
C GLU A 293 4.35 25.24 3.80
N LYS A 294 4.32 25.20 2.46
CA LYS A 294 3.72 26.23 1.61
C LYS A 294 2.19 26.27 1.78
N TYR A 295 1.53 25.10 1.79
CA TYR A 295 0.07 25.01 1.89
C TYR A 295 -0.54 25.00 3.30
N ARG A 296 0.30 24.88 4.34
CA ARG A 296 -0.18 24.89 5.73
C ARG A 296 -0.43 26.33 6.24
N HIS A 297 -1.05 26.46 7.43
CA HIS A 297 -1.33 27.74 8.06
C HIS A 297 -1.13 27.65 9.57
#